data_3KSJ
#
_entry.id   3KSJ
#
_cell.length_a   30.868
_cell.length_b   86.364
_cell.length_c   46.454
_cell.angle_alpha   90.000
_cell.angle_beta   97.460
_cell.angle_gamma   90.000
#
_symmetry.space_group_name_H-M   'P 1 21 1'
#
loop_
_entity.id
_entity.type
_entity.pdbx_description
1 polymer 'Nitrate transport protein'
2 non-polymer '2-(N-MORPHOLINO)-ETHANESULFONIC ACID'
3 water water
#
_entity_poly.entity_id   1
_entity_poly.type   'polypeptide(L)'
_entity_poly.pdbx_seq_one_letter_code
;MGSSHHHHHHSSGLVPRGSHQPALAAEPAQLRIGYQKAVSSLVLAKQHRLLEQRFPRTKITWVEFPAGPQLLEALNVGSI
DLGGAGDIPPLFAQAAGADLLYVGWVPPTPKAETILVPSKSALRTVADLKGKRIAFQKGSSAHNLLLRVLAKSGLSMRDI
TPLYLSPANARAAFAAGQVDAWAIWDPWYSALTLDGSARLLANGEGLGLTGGFFLSSRRYATAWGPFVQQVMGTLNQADG
LLERDRAGSIKTLAQVSGLPPAVVERTLAHRPPASVQPLSAQVIKAQQATADLFYAQRLLPKRVLVAPAVWRAPDAGTAQ
AVSK
;
_entity_poly.pdbx_strand_id   A
#
loop_
_chem_comp.id
_chem_comp.type
_chem_comp.name
_chem_comp.formula
MES non-polymer '2-(N-MORPHOLINO)-ETHANESULFONIC ACID' 'C6 H13 N O4 S'
#
# COMPACT_ATOMS: atom_id res chain seq x y z
N ALA A 26 -8.94 -24.59 19.10
CA ALA A 26 -9.50 -23.17 19.04
C ALA A 26 -8.95 -22.26 17.90
N GLU A 27 -9.88 -21.52 17.32
CA GLU A 27 -9.59 -20.48 16.38
C GLU A 27 -10.07 -19.31 17.20
N PRO A 28 -9.58 -18.11 16.92
CA PRO A 28 -10.05 -17.00 17.75
C PRO A 28 -11.56 -16.79 17.65
N ALA A 29 -12.10 -16.08 18.63
CA ALA A 29 -13.46 -15.59 18.59
C ALA A 29 -13.70 -14.49 17.53
N GLN A 30 -12.74 -13.55 17.42
CA GLN A 30 -12.88 -12.34 16.59
C GLN A 30 -11.60 -12.10 15.76
N LEU A 31 -11.75 -11.57 14.54
CA LEU A 31 -10.63 -11.09 13.73
C LEU A 31 -11.11 -9.76 13.24
N ARG A 32 -10.54 -8.70 13.79
CA ARG A 32 -10.76 -7.41 13.25
C ARG A 32 -9.56 -7.09 12.36
N ILE A 33 -9.82 -7.11 11.05
CA ILE A 33 -8.74 -7.06 10.03
C ILE A 33 -8.86 -5.77 9.20
N GLY A 34 -7.77 -5.04 9.12
CA GLY A 34 -7.77 -3.82 8.33
C GLY A 34 -7.53 -4.04 6.84
N TYR A 35 -8.15 -3.19 6.02
CA TYR A 35 -7.92 -3.23 4.59
C TYR A 35 -8.02 -1.80 4.01
N GLN A 36 -7.53 -1.65 2.79
CA GLN A 36 -7.62 -0.43 2.05
C GLN A 36 -8.42 -0.76 0.83
N LYS A 37 -9.39 0.06 0.52
CA LYS A 37 -10.23 -0.16 -0.69
C LYS A 37 -9.43 -0.25 -1.99
N ALA A 38 -8.28 0.43 -1.99
CA ALA A 38 -7.37 0.48 -3.13
C ALA A 38 -6.87 -0.91 -3.52
N VAL A 39 -6.67 -1.77 -2.52
CA VAL A 39 -6.19 -3.14 -2.71
C VAL A 39 -7.42 -3.96 -3.06
N SER A 40 -7.68 -3.97 -4.38
CA SER A 40 -8.79 -4.61 -5.06
C SER A 40 -9.02 -6.03 -4.59
N SER A 41 -7.93 -6.76 -4.34
CA SER A 41 -8.09 -8.15 -3.88
C SER A 41 -8.68 -8.24 -2.48
N LEU A 42 -8.48 -7.23 -1.62
CA LEU A 42 -9.04 -7.38 -0.25
C LEU A 42 -10.51 -7.01 -0.25
N VAL A 43 -10.86 -6.08 -1.13
CA VAL A 43 -12.25 -5.73 -1.45
C VAL A 43 -13.05 -6.97 -1.87
N LEU A 44 -12.47 -7.75 -2.78
CA LEU A 44 -13.16 -8.93 -3.31
C LEU A 44 -13.31 -10.01 -2.24
N ALA A 45 -12.24 -10.34 -1.50
CA ALA A 45 -12.32 -11.28 -0.38
C ALA A 45 -13.43 -10.87 0.60
N LYS A 46 -13.50 -9.57 0.90
CA LYS A 46 -14.52 -9.07 1.77
C LYS A 46 -15.92 -9.24 1.13
N GLN A 47 -16.02 -9.07 -0.18
CA GLN A 47 -17.29 -9.11 -0.85
C GLN A 47 -17.75 -10.54 -1.00
N HIS A 48 -16.82 -11.42 -1.33
CA HIS A 48 -17.16 -12.83 -1.51
C HIS A 48 -17.11 -13.56 -0.21
N ARG A 49 -16.84 -12.80 0.85
CA ARG A 49 -16.91 -13.35 2.22
C ARG A 49 -16.08 -14.64 2.34
N LEU A 50 -14.88 -14.62 1.77
CA LEU A 50 -14.04 -15.83 1.73
C LEU A 50 -13.49 -16.24 3.08
N LEU A 51 -13.25 -15.28 3.94
CA LEU A 51 -12.74 -15.59 5.24
C LEU A 51 -13.89 -16.20 6.04
N GLU A 52 -15.07 -15.62 5.94
CA GLU A 52 -16.24 -16.06 6.68
C GLU A 52 -16.51 -17.50 6.31
N GLN A 53 -16.40 -17.81 5.01
CA GLN A 53 -16.65 -19.17 4.52
C GLN A 53 -15.72 -20.20 5.09
N ARG A 54 -14.49 -19.78 5.28
CA ARG A 54 -13.45 -20.63 5.73
C ARG A 54 -13.43 -20.73 7.27
N PHE A 55 -13.81 -19.65 7.94
CA PHE A 55 -13.73 -19.61 9.39
C PHE A 55 -15.09 -19.26 10.05
N PRO A 56 -16.01 -20.23 10.08
CA PRO A 56 -17.39 -20.00 10.48
C PRO A 56 -17.59 -19.73 11.97
N ARG A 57 -16.60 -20.05 12.80
CA ARG A 57 -16.68 -19.91 14.23
C ARG A 57 -16.01 -18.57 14.69
N THR A 58 -15.54 -17.77 13.72
CA THR A 58 -14.84 -16.53 14.03
C THR A 58 -15.59 -15.35 13.44
N LYS A 59 -15.88 -14.35 14.29
CA LYS A 59 -16.51 -13.11 13.86
C LYS A 59 -15.42 -12.34 13.06
N ILE A 60 -15.65 -12.23 11.75
CA ILE A 60 -14.76 -11.48 10.87
C ILE A 60 -15.36 -10.10 10.71
N THR A 61 -14.59 -9.09 11.12
CA THR A 61 -14.92 -7.66 10.99
C THR A 61 -13.89 -6.86 10.12
N TRP A 62 -14.28 -6.38 8.93
CA TRP A 62 -13.36 -5.67 8.03
C TRP A 62 -13.42 -4.21 8.33
N VAL A 63 -12.28 -3.55 8.50
CA VAL A 63 -12.21 -2.13 8.91
C VAL A 63 -11.34 -1.45 7.85
N GLU A 64 -11.90 -0.43 7.22
CA GLU A 64 -11.30 0.19 6.05
C GLU A 64 -10.51 1.36 6.56
N PHE A 65 -9.36 1.65 5.97
CA PHE A 65 -8.51 2.78 6.30
C PHE A 65 -8.14 3.53 5.01
N PRO A 66 -7.93 4.88 5.05
CA PRO A 66 -7.66 5.64 3.81
C PRO A 66 -6.31 5.30 3.18
N ALA A 67 -5.33 4.92 4.02
CA ALA A 67 -4.03 4.40 3.60
C ALA A 67 -3.34 3.52 4.71
N GLY A 68 -2.07 3.17 4.51
CA GLY A 68 -1.25 2.40 5.42
C GLY A 68 -0.92 2.98 6.75
N PRO A 69 -0.32 4.20 6.80
CA PRO A 69 0.06 4.73 8.12
C PRO A 69 -1.17 4.78 9.06
N GLN A 70 -2.34 5.23 8.58
CA GLN A 70 -3.62 5.25 9.33
C GLN A 70 -3.87 3.87 9.88
N LEU A 71 -3.67 2.89 9.01
CA LEU A 71 -3.95 1.52 9.35
C LEU A 71 -3.00 1.00 10.45
N LEU A 72 -1.69 1.30 10.33
CA LEU A 72 -0.71 0.90 11.30
C LEU A 72 -0.95 1.55 12.70
N GLU A 73 -1.33 2.80 12.71
CA GLU A 73 -1.59 3.53 13.98
C GLU A 73 -2.71 2.79 14.70
N ALA A 74 -3.70 2.35 13.92
CA ALA A 74 -4.82 1.60 14.51
C ALA A 74 -4.33 0.23 14.97
N LEU A 75 -3.38 -0.41 14.27
CA LEU A 75 -2.92 -1.74 14.78
C LEU A 75 -2.20 -1.50 16.12
N ASN A 76 -1.46 -0.41 16.18
CA ASN A 76 -0.71 -0.05 17.35
C ASN A 76 -1.62 0.12 18.57
N VAL A 77 -2.78 0.74 18.42
CA VAL A 77 -3.62 0.91 19.60
C VAL A 77 -4.61 -0.24 19.79
N GLY A 78 -4.47 -1.36 19.04
CA GLY A 78 -5.43 -2.47 19.19
C GLY A 78 -6.80 -2.43 18.49
N SER A 79 -7.04 -1.42 17.63
CA SER A 79 -8.28 -1.37 16.83
C SER A 79 -8.48 -2.47 15.82
N ILE A 80 -7.39 -2.96 15.25
CA ILE A 80 -7.38 -4.19 14.46
C ILE A 80 -6.24 -5.04 14.98
N ASP A 81 -6.14 -6.29 14.60
CA ASP A 81 -4.83 -6.86 14.81
C ASP A 81 -4.23 -7.57 13.63
N LEU A 82 -4.84 -7.42 12.46
CA LEU A 82 -4.24 -7.97 11.25
C LEU A 82 -4.56 -6.88 10.20
N GLY A 83 -3.59 -6.47 9.36
CA GLY A 83 -3.96 -5.56 8.26
C GLY A 83 -2.89 -5.46 7.15
N GLY A 84 -3.31 -5.07 5.94
CA GLY A 84 -2.35 -4.93 4.83
C GLY A 84 -1.95 -3.52 4.51
N ALA A 85 -0.65 -3.28 4.43
CA ALA A 85 -0.15 -2.00 3.98
C ALA A 85 1.02 -2.15 3.07
N GLY A 86 1.52 -0.99 2.60
CA GLY A 86 2.77 -0.85 1.84
C GLY A 86 4.06 -1.11 2.66
N ASP A 87 5.23 -0.84 2.09
CA ASP A 87 6.42 -1.32 2.74
C ASP A 87 6.83 -0.27 3.76
N ILE A 88 6.49 1.00 3.51
CA ILE A 88 6.96 2.14 4.40
C ILE A 88 6.14 2.23 5.72
N PRO A 89 4.78 2.00 5.64
CA PRO A 89 4.02 2.19 6.88
C PRO A 89 4.63 1.41 8.06
N PRO A 90 4.94 0.11 7.92
CA PRO A 90 5.45 -0.55 9.11
C PRO A 90 6.78 0.05 9.62
N LEU A 91 7.64 0.57 8.74
CA LEU A 91 8.89 1.18 9.16
C LEU A 91 8.70 2.48 9.98
N PHE A 92 7.74 3.29 9.55
CA PHE A 92 7.31 4.41 10.32
C PHE A 92 6.75 3.99 11.67
N ALA A 93 5.91 2.95 11.72
CA ALA A 93 5.42 2.44 12.95
C ALA A 93 6.51 1.90 13.88
N GLN A 94 7.42 1.05 13.36
CA GLN A 94 8.53 0.48 14.17
C GLN A 94 9.38 1.62 14.78
N ALA A 95 9.70 2.62 13.99
CA ALA A 95 10.54 3.72 14.44
C ALA A 95 9.89 4.52 15.58
N ALA A 96 8.54 4.60 15.58
CA ALA A 96 7.79 5.35 16.64
C ALA A 96 7.62 4.45 17.84
N GLY A 97 7.85 3.15 17.65
CA GLY A 97 7.95 2.24 18.77
C GLY A 97 6.91 1.14 18.77
N ALA A 98 6.19 0.94 17.65
CA ALA A 98 5.17 -0.09 17.54
C ALA A 98 5.83 -1.45 17.67
N ASP A 99 5.07 -2.47 18.10
CA ASP A 99 5.59 -3.84 18.35
C ASP A 99 4.82 -4.81 17.47
N LEU A 100 4.95 -4.62 16.15
CA LEU A 100 4.29 -5.41 15.13
C LEU A 100 5.09 -6.63 14.64
N LEU A 101 4.39 -7.49 13.93
CA LEU A 101 5.02 -8.62 13.27
C LEU A 101 4.71 -8.47 11.75
N TYR A 102 5.73 -8.64 10.94
CA TYR A 102 5.52 -8.85 9.51
C TYR A 102 5.09 -10.32 9.37
N VAL A 103 3.87 -10.55 8.94
CA VAL A 103 3.46 -11.95 8.76
C VAL A 103 3.22 -12.43 7.36
N GLY A 104 3.26 -11.52 6.41
CA GLY A 104 2.98 -11.83 5.02
C GLY A 104 3.53 -10.72 4.13
N TRP A 105 3.91 -11.10 2.92
CA TRP A 105 4.51 -10.15 1.98
C TRP A 105 3.63 -10.10 0.73
N VAL A 106 3.42 -8.91 0.18
CA VAL A 106 2.62 -8.69 -0.99
C VAL A 106 3.61 -8.09 -2.05
N PRO A 107 3.78 -8.81 -3.14
CA PRO A 107 4.60 -8.43 -4.30
C PRO A 107 4.24 -7.09 -4.90
N PRO A 108 5.28 -6.40 -5.38
CA PRO A 108 5.06 -5.07 -5.83
C PRO A 108 4.28 -5.07 -7.14
N THR A 109 3.62 -3.96 -7.34
CA THR A 109 2.93 -3.63 -8.59
C THR A 109 3.44 -2.25 -8.98
N PRO A 110 4.65 -2.16 -9.63
CA PRO A 110 5.37 -0.92 -9.93
C PRO A 110 4.58 0.01 -10.87
N LYS A 111 3.90 -0.56 -11.86
CA LYS A 111 3.07 0.25 -12.73
C LYS A 111 1.90 0.97 -12.05
N ALA A 112 1.52 0.54 -10.83
CA ALA A 112 0.36 1.12 -10.13
C ALA A 112 0.82 2.11 -9.07
N GLU A 113 2.11 2.42 -9.05
CA GLU A 113 2.63 3.43 -8.09
C GLU A 113 3.10 4.63 -8.90
N THR A 114 2.59 5.82 -8.70
CA THR A 114 2.92 6.85 -9.68
C THR A 114 3.14 8.21 -9.11
N ILE A 115 3.83 9.03 -9.90
CA ILE A 115 3.89 10.44 -9.74
C ILE A 115 3.02 10.98 -10.87
N LEU A 116 1.90 11.60 -10.49
CA LEU A 116 1.05 12.35 -11.46
C LEU A 116 1.26 13.86 -11.36
N VAL A 117 1.05 14.57 -12.47
CA VAL A 117 0.93 15.99 -12.49
C VAL A 117 -0.36 16.37 -13.22
N PRO A 118 -0.89 17.53 -12.85
CA PRO A 118 -2.09 18.07 -13.52
C PRO A 118 -1.73 18.09 -15.00
N SER A 119 -2.68 17.64 -15.82
CA SER A 119 -2.40 17.44 -17.21
C SER A 119 -2.05 18.78 -17.87
N LYS A 120 -2.58 19.87 -17.33
CA LYS A 120 -2.29 21.26 -17.81
C LYS A 120 -0.85 21.78 -17.59
N SER A 121 -0.10 21.04 -16.77
CA SER A 121 1.13 21.53 -16.19
C SER A 121 2.30 21.56 -17.17
N ALA A 122 3.24 22.46 -16.92
CA ALA A 122 4.50 22.49 -17.70
C ALA A 122 5.45 21.33 -17.41
N LEU A 123 5.28 20.62 -16.28
CA LEU A 123 6.24 19.59 -15.84
C LEU A 123 6.13 18.36 -16.69
N ARG A 124 7.23 17.92 -17.31
N ARG A 124 7.23 17.94 -17.34
CA ARG A 124 7.22 16.70 -18.11
CA ARG A 124 7.26 16.74 -18.18
C ARG A 124 8.28 15.66 -17.69
C ARG A 124 8.45 15.78 -17.94
N THR A 125 9.31 16.09 -16.97
CA THR A 125 10.33 15.13 -16.52
C THR A 125 10.47 15.23 -14.99
N VAL A 126 11.09 14.20 -14.41
CA VAL A 126 11.34 14.20 -12.96
C VAL A 126 12.19 15.40 -12.54
N ALA A 127 13.21 15.74 -13.33
CA ALA A 127 13.95 16.97 -13.08
C ALA A 127 13.11 18.21 -12.84
N ASP A 128 11.95 18.30 -13.49
CA ASP A 128 11.16 19.52 -13.37
C ASP A 128 10.51 19.68 -11.95
N LEU A 129 10.47 18.59 -11.18
CA LEU A 129 9.94 18.58 -9.78
C LEU A 129 10.72 19.46 -8.79
N LYS A 130 11.96 19.82 -9.08
CA LYS A 130 12.77 20.67 -8.14
C LYS A 130 11.99 21.94 -7.77
N GLY A 131 11.93 22.23 -6.46
CA GLY A 131 11.22 23.40 -5.98
C GLY A 131 9.71 23.31 -6.06
N LYS A 132 9.12 22.14 -6.39
CA LYS A 132 7.66 22.02 -6.54
C LYS A 132 6.99 21.45 -5.28
N ARG A 133 5.71 21.73 -5.11
CA ARG A 133 4.91 21.09 -4.06
C ARG A 133 4.32 19.72 -4.48
N ILE A 134 4.67 18.70 -3.73
CA ILE A 134 4.29 17.35 -4.05
C ILE A 134 3.50 16.71 -2.92
N ALA A 135 2.24 16.44 -3.19
CA ALA A 135 1.37 15.79 -2.22
C ALA A 135 1.64 14.28 -2.16
N PHE A 136 1.57 13.72 -0.97
CA PHE A 136 1.70 12.26 -0.80
C PHE A 136 1.37 11.93 0.64
N GLN A 137 1.00 10.69 0.85
CA GLN A 137 0.73 10.23 2.25
C GLN A 137 2.10 10.04 2.92
N LYS A 138 2.41 10.81 3.97
CA LYS A 138 3.64 10.61 4.71
C LYS A 138 3.73 9.18 5.25
N GLY A 139 4.90 8.57 5.13
CA GLY A 139 5.11 7.26 5.69
C GLY A 139 4.54 6.16 4.77
N SER A 140 4.01 6.52 3.61
CA SER A 140 3.33 5.53 2.74
C SER A 140 4.31 5.07 1.68
N SER A 141 3.92 4.06 0.89
CA SER A 141 4.75 3.59 -0.21
C SER A 141 5.04 4.62 -1.26
N ALA A 142 4.11 5.57 -1.39
CA ALA A 142 4.32 6.71 -2.31
C ALA A 142 5.52 7.57 -1.86
N HIS A 143 5.87 7.57 -0.55
CA HIS A 143 6.93 8.42 0.02
C HIS A 143 8.27 7.83 -0.44
N ASN A 144 8.37 6.50 -0.43
CA ASN A 144 9.53 5.76 -0.96
C ASN A 144 9.61 5.77 -2.53
N LEU A 145 8.45 5.67 -3.20
CA LEU A 145 8.45 5.80 -4.72
C LEU A 145 9.05 7.15 -5.06
N LEU A 146 8.58 8.16 -4.37
CA LEU A 146 9.03 9.52 -4.62
C LEU A 146 10.56 9.79 -4.35
N LEU A 147 11.05 9.39 -3.19
CA LEU A 147 12.46 9.50 -2.82
C LEU A 147 13.34 8.82 -3.88
N ARG A 148 12.95 7.62 -4.26
CA ARG A 148 13.73 6.78 -5.21
C ARG A 148 13.63 7.27 -6.66
N VAL A 149 12.47 7.77 -7.08
CA VAL A 149 12.35 8.41 -8.41
C VAL A 149 13.20 9.69 -8.44
N LEU A 150 13.06 10.52 -7.42
CA LEU A 150 13.80 11.76 -7.34
C LEU A 150 15.32 11.52 -7.39
N ALA A 151 15.76 10.49 -6.67
CA ALA A 151 17.20 10.12 -6.61
C ALA A 151 17.87 9.85 -7.96
N LYS A 152 17.12 9.32 -8.92
CA LYS A 152 17.65 8.91 -10.21
C LYS A 152 17.93 10.14 -11.05
N SER A 153 17.50 11.31 -10.53
CA SER A 153 17.65 12.58 -11.18
C SER A 153 18.42 13.59 -10.37
N GLY A 154 19.12 13.13 -9.33
CA GLY A 154 19.88 14.04 -8.52
C GLY A 154 19.06 14.91 -7.61
N LEU A 155 17.81 14.53 -7.42
CA LEU A 155 16.95 15.23 -6.51
C LEU A 155 16.76 14.40 -5.24
N SER A 156 16.41 15.06 -4.15
CA SER A 156 16.06 14.37 -2.95
C SER A 156 14.84 15.05 -2.33
N MET A 157 14.46 14.51 -1.18
CA MET A 157 13.37 15.01 -0.41
C MET A 157 13.53 16.49 -0.04
N ARG A 158 14.75 16.97 0.06
CA ARG A 158 14.86 18.38 0.40
C ARG A 158 14.98 19.28 -0.86
N ASP A 159 14.74 18.72 -2.05
CA ASP A 159 14.65 19.60 -3.23
C ASP A 159 13.19 19.92 -3.59
N ILE A 160 12.25 19.32 -2.84
CA ILE A 160 10.81 19.42 -3.16
C ILE A 160 10.07 19.79 -1.91
N THR A 161 8.89 20.44 -2.01
CA THR A 161 8.01 20.63 -0.85
C THR A 161 6.91 19.58 -0.72
N PRO A 162 6.89 18.83 0.42
CA PRO A 162 5.89 17.80 0.71
C PRO A 162 4.57 18.40 1.14
N LEU A 163 3.49 17.92 0.59
CA LEU A 163 2.20 18.20 1.18
C LEU A 163 1.69 16.84 1.60
N TYR A 164 1.68 16.63 2.90
CA TYR A 164 1.43 15.35 3.50
C TYR A 164 -0.04 15.30 3.58
N LEU A 165 -0.69 14.40 2.83
CA LEU A 165 -2.13 14.49 2.71
C LEU A 165 -2.57 13.09 2.33
N SER A 166 -3.65 12.66 2.93
CA SER A 166 -4.20 11.34 2.66
C SER A 166 -4.75 11.37 1.24
N PRO A 167 -5.01 10.21 0.62
CA PRO A 167 -5.46 10.26 -0.77
C PRO A 167 -6.69 11.15 -1.11
N ALA A 168 -7.83 10.96 -0.43
CA ALA A 168 -8.97 11.87 -0.65
C ALA A 168 -8.56 13.39 -0.47
N ASN A 169 -7.75 13.71 0.53
CA ASN A 169 -7.45 15.15 0.77
C ASN A 169 -6.45 15.70 -0.25
N ALA A 170 -5.56 14.81 -0.72
CA ALA A 170 -4.62 15.13 -1.79
C ALA A 170 -5.40 15.29 -3.12
N ARG A 171 -6.35 14.38 -3.41
CA ARG A 171 -7.27 14.57 -4.58
C ARG A 171 -7.95 15.92 -4.55
N ALA A 172 -8.60 16.28 -3.44
CA ALA A 172 -9.25 17.62 -3.36
C ALA A 172 -8.24 18.76 -3.63
N ALA A 173 -7.05 18.72 -3.03
CA ALA A 173 -6.03 19.79 -3.27
C ALA A 173 -5.54 19.85 -4.71
N PHE A 174 -5.43 18.70 -5.35
CA PHE A 174 -5.04 18.58 -6.76
C PHE A 174 -6.12 19.22 -7.65
N ALA A 175 -7.38 18.86 -7.45
CA ALA A 175 -8.52 19.42 -8.17
C ALA A 175 -8.64 20.92 -7.95
N ALA A 176 -8.05 21.42 -6.87
CA ALA A 176 -8.08 22.84 -6.57
C ALA A 176 -6.83 23.61 -7.00
N GLY A 177 -5.85 22.92 -7.57
CA GLY A 177 -4.63 23.56 -8.09
C GLY A 177 -3.54 23.95 -7.09
N GLN A 178 -3.56 23.34 -5.91
CA GLN A 178 -2.63 23.63 -4.82
C GLN A 178 -1.39 22.72 -4.81
N VAL A 179 -1.36 21.71 -5.67
CA VAL A 179 -0.20 20.78 -5.75
C VAL A 179 0.35 20.69 -7.18
N ASP A 180 1.65 20.39 -7.28
CA ASP A 180 2.32 20.52 -8.54
C ASP A 180 2.36 19.09 -9.06
N ALA A 181 2.29 18.13 -8.15
CA ALA A 181 2.47 16.73 -8.46
C ALA A 181 1.98 15.96 -7.24
N TRP A 182 1.60 14.71 -7.46
CA TRP A 182 0.99 13.85 -6.46
C TRP A 182 1.55 12.48 -6.60
N ALA A 183 2.25 12.01 -5.57
CA ALA A 183 2.61 10.58 -5.58
C ALA A 183 1.53 9.74 -4.89
N ILE A 184 1.03 8.78 -5.65
CA ILE A 184 -0.22 8.11 -5.32
C ILE A 184 -0.30 6.78 -6.06
N TRP A 185 -1.17 5.91 -5.64
CA TRP A 185 -1.36 4.56 -6.28
C TRP A 185 -2.69 4.44 -7.02
N ASP A 186 -2.91 3.35 -7.76
CA ASP A 186 -4.22 2.99 -8.30
C ASP A 186 -5.20 2.73 -7.12
N PRO A 187 -6.48 3.13 -7.25
CA PRO A 187 -7.23 3.53 -8.48
C PRO A 187 -7.09 4.97 -8.99
N TRP A 188 -6.55 5.85 -8.15
CA TRP A 188 -6.39 7.24 -8.46
C TRP A 188 -5.58 7.53 -9.70
N TYR A 189 -4.40 6.97 -9.83
CA TYR A 189 -3.70 7.01 -11.09
C TYR A 189 -4.66 6.82 -12.33
N SER A 190 -5.36 5.68 -12.39
CA SER A 190 -6.14 5.36 -13.60
C SER A 190 -7.30 6.28 -13.76
N ALA A 191 -7.94 6.55 -12.63
CA ALA A 191 -9.09 7.46 -12.56
C ALA A 191 -8.74 8.85 -13.11
N LEU A 192 -7.71 9.48 -12.56
CA LEU A 192 -7.27 10.82 -13.01
C LEU A 192 -6.61 10.89 -14.44
N THR A 193 -5.86 9.88 -14.83
CA THR A 193 -5.32 9.83 -16.19
C THR A 193 -6.43 9.53 -17.23
N LEU A 194 -7.41 8.68 -16.91
CA LEU A 194 -8.53 8.43 -17.82
C LEU A 194 -9.47 9.62 -17.97
N ASP A 195 -9.69 10.41 -16.94
CA ASP A 195 -10.61 11.52 -17.07
C ASP A 195 -9.93 12.78 -17.52
N GLY A 196 -8.64 12.74 -17.79
CA GLY A 196 -7.98 13.97 -18.29
C GLY A 196 -7.43 14.89 -17.21
N SER A 197 -7.67 14.55 -15.96
CA SER A 197 -7.16 15.36 -14.84
C SER A 197 -5.64 15.37 -14.74
N ALA A 198 -5.03 14.23 -15.10
CA ALA A 198 -3.63 14.00 -14.90
C ALA A 198 -2.84 13.40 -16.07
N ARG A 199 -1.55 13.76 -16.09
CA ARG A 199 -0.49 13.00 -16.79
C ARG A 199 0.38 12.23 -15.81
N LEU A 200 0.82 11.05 -16.23
CA LEU A 200 1.83 10.29 -15.50
C LEU A 200 3.18 11.00 -15.66
N LEU A 201 3.85 11.30 -14.58
CA LEU A 201 5.22 11.80 -14.69
C LEU A 201 6.23 10.66 -14.64
N ALA A 202 5.96 9.58 -13.88
CA ALA A 202 6.87 8.44 -13.67
C ALA A 202 6.10 7.43 -12.88
N ASN A 203 6.32 6.15 -13.13
CA ASN A 203 5.70 5.12 -12.26
C ASN A 203 6.82 4.41 -11.49
N GLY A 204 6.55 3.24 -10.83
CA GLY A 204 7.59 2.60 -10.00
C GLY A 204 8.48 1.52 -10.62
N GLU A 205 8.50 1.44 -11.93
CA GLU A 205 9.33 0.50 -12.65
C GLU A 205 10.76 0.82 -12.53
N GLY A 206 11.51 -0.25 -12.28
CA GLY A 206 12.95 -0.21 -12.30
C GLY A 206 13.59 0.30 -11.03
N LEU A 207 12.82 0.40 -9.94
CA LEU A 207 13.36 0.81 -8.63
C LEU A 207 13.57 -0.36 -7.72
N GLY A 208 13.15 -1.53 -8.16
CA GLY A 208 13.27 -2.65 -7.29
C GLY A 208 12.45 -2.46 -6.06
N LEU A 209 11.17 -2.06 -6.25
CA LEU A 209 10.25 -1.94 -5.08
C LEU A 209 9.98 -3.29 -4.43
N THR A 210 10.02 -3.23 -3.10
CA THR A 210 9.70 -4.36 -2.21
C THR A 210 8.29 -4.91 -2.39
N GLY A 211 7.33 -4.01 -2.34
CA GLY A 211 5.94 -4.43 -2.25
C GLY A 211 5.29 -4.00 -0.95
N GLY A 212 4.45 -4.86 -0.42
CA GLY A 212 3.78 -4.58 0.82
C GLY A 212 3.77 -5.77 1.73
N PHE A 213 3.11 -5.58 2.88
CA PHE A 213 3.16 -6.59 3.92
C PHE A 213 1.80 -6.76 4.54
N PHE A 214 1.58 -7.90 5.18
CA PHE A 214 0.51 -7.99 6.17
C PHE A 214 1.15 -7.91 7.55
N LEU A 215 0.62 -7.02 8.36
CA LEU A 215 1.13 -6.86 9.73
C LEU A 215 0.15 -7.40 10.78
N SER A 216 0.68 -7.85 11.91
CA SER A 216 -0.15 -8.40 12.96
C SER A 216 0.33 -7.89 14.29
N SER A 217 -0.55 -7.92 15.29
CA SER A 217 -0.07 -7.68 16.62
C SER A 217 0.81 -8.88 17.05
N ARG A 218 1.81 -8.64 17.89
CA ARG A 218 2.58 -9.75 18.44
C ARG A 218 1.69 -10.78 19.17
N ARG A 219 0.80 -10.33 20.06
CA ARG A 219 -0.03 -11.28 20.86
C ARG A 219 -0.94 -12.18 20.05
N TYR A 220 -1.65 -11.58 19.08
CA TYR A 220 -2.54 -12.34 18.22
C TYR A 220 -1.81 -13.37 17.34
N ALA A 221 -0.68 -12.98 16.75
CA ALA A 221 -0.03 -13.93 15.85
C ALA A 221 0.65 -15.02 16.68
N THR A 222 1.14 -14.62 17.85
CA THR A 222 1.70 -15.60 18.81
C THR A 222 0.60 -16.53 19.25
N ALA A 223 -0.54 -16.01 19.74
CA ALA A 223 -1.66 -16.90 20.21
C ALA A 223 -2.28 -17.82 19.10
N TRP A 224 -2.31 -17.32 17.86
CA TRP A 224 -3.16 -17.88 16.82
C TRP A 224 -2.37 -18.06 15.49
N GLY A 225 -1.13 -18.56 15.61
CA GLY A 225 -0.23 -18.63 14.46
C GLY A 225 -0.88 -19.30 13.27
N PRO A 226 -1.31 -20.56 13.49
CA PRO A 226 -1.81 -21.37 12.36
C PRO A 226 -2.97 -20.69 11.70
N PHE A 227 -3.75 -19.95 12.51
CA PHE A 227 -4.95 -19.30 12.02
C PHE A 227 -4.50 -18.14 11.15
N VAL A 228 -3.47 -17.44 11.60
CA VAL A 228 -2.96 -16.33 10.85
C VAL A 228 -2.43 -16.81 9.50
N GLN A 229 -1.75 -17.97 9.49
CA GLN A 229 -1.27 -18.56 8.23
C GLN A 229 -2.45 -18.89 7.30
N GLN A 230 -3.52 -19.37 7.90
CA GLN A 230 -4.63 -19.79 7.06
C GLN A 230 -5.34 -18.59 6.49
N VAL A 231 -5.43 -17.52 7.29
CA VAL A 231 -5.92 -16.20 6.84
C VAL A 231 -5.14 -15.77 5.59
N MET A 232 -3.80 -15.75 5.68
CA MET A 232 -2.97 -15.52 4.48
C MET A 232 -3.30 -16.44 3.28
N GLY A 233 -3.43 -17.75 3.53
CA GLY A 233 -3.77 -18.76 2.48
C GLY A 233 -5.00 -18.29 1.72
N THR A 234 -6.01 -17.90 2.46
CA THR A 234 -7.24 -17.41 1.86
C THR A 234 -7.14 -16.08 1.11
N LEU A 235 -6.48 -15.07 1.71
CA LEU A 235 -6.27 -13.81 1.03
C LEU A 235 -5.41 -13.98 -0.25
N ASN A 236 -4.48 -14.95 -0.18
CA ASN A 236 -3.66 -15.30 -1.32
C ASN A 236 -4.60 -15.71 -2.49
N GLN A 237 -5.58 -16.58 -2.22
CA GLN A 237 -6.48 -17.03 -3.29
C GLN A 237 -7.41 -15.91 -3.81
N ALA A 238 -7.75 -14.95 -2.93
CA ALA A 238 -8.53 -13.74 -3.31
C ALA A 238 -7.81 -12.90 -4.36
N ASP A 239 -6.48 -12.71 -4.20
CA ASP A 239 -5.67 -12.03 -5.22
C ASP A 239 -5.80 -12.72 -6.58
N GLY A 240 -5.91 -14.07 -6.53
CA GLY A 240 -6.03 -14.87 -7.76
C GLY A 240 -7.24 -14.48 -8.61
N LEU A 241 -8.29 -13.92 -7.97
CA LEU A 241 -9.56 -13.59 -8.66
C LEU A 241 -9.43 -12.44 -9.67
N LEU A 242 -8.43 -11.59 -9.45
CA LEU A 242 -8.16 -10.45 -10.32
C LEU A 242 -7.96 -10.85 -11.78
N GLU A 243 -7.30 -12.00 -12.01
CA GLU A 243 -7.11 -12.60 -13.34
C GLU A 243 -8.08 -13.75 -13.60
N ARG A 244 -8.26 -14.67 -12.65
CA ARG A 244 -9.16 -15.83 -12.88
C ARG A 244 -10.67 -15.50 -12.92
N ASP A 245 -11.02 -14.31 -12.41
CA ASP A 245 -12.43 -13.80 -12.51
C ASP A 245 -12.39 -12.34 -12.98
N ARG A 246 -11.69 -12.09 -14.09
CA ARG A 246 -11.57 -10.76 -14.70
C ARG A 246 -12.90 -9.98 -14.76
N ALA A 247 -13.89 -10.55 -15.46
CA ALA A 247 -15.13 -9.84 -15.83
C ALA A 247 -16.02 -9.61 -14.63
N GLY A 248 -16.03 -10.59 -13.71
CA GLY A 248 -16.74 -10.47 -12.44
C GLY A 248 -16.07 -9.49 -11.49
N SER A 249 -14.74 -9.45 -11.50
CA SER A 249 -13.98 -8.56 -10.62
C SER A 249 -14.28 -7.16 -11.00
N ILE A 250 -14.29 -6.90 -12.30
CA ILE A 250 -14.51 -5.55 -12.81
C ILE A 250 -15.86 -4.97 -12.34
N LYS A 251 -16.95 -5.70 -12.56
CA LYS A 251 -18.27 -5.29 -12.03
C LYS A 251 -18.19 -5.01 -10.52
N THR A 252 -17.86 -6.03 -9.72
CA THR A 252 -17.93 -5.89 -8.24
C THR A 252 -17.15 -4.67 -7.80
N LEU A 253 -15.89 -4.59 -8.22
CA LEU A 253 -15.05 -3.44 -7.98
C LEU A 253 -15.67 -2.11 -8.42
N ALA A 254 -16.10 -2.02 -9.69
CA ALA A 254 -16.78 -0.86 -10.20
C ALA A 254 -17.94 -0.47 -9.21
N GLN A 255 -18.83 -1.43 -9.01
CA GLN A 255 -19.99 -1.31 -8.10
C GLN A 255 -19.57 -0.86 -6.71
N VAL A 256 -18.57 -1.52 -6.14
CA VAL A 256 -18.10 -1.20 -4.79
C VAL A 256 -17.35 0.14 -4.69
N SER A 257 -16.38 0.38 -5.56
CA SER A 257 -15.65 1.65 -5.55
C SER A 257 -16.50 2.86 -5.98
N GLY A 258 -17.36 2.69 -6.99
CA GLY A 258 -18.07 3.82 -7.61
C GLY A 258 -17.47 4.18 -8.95
N LEU A 259 -16.27 3.65 -9.22
CA LEU A 259 -15.50 3.98 -10.42
C LEU A 259 -16.13 3.35 -11.64
N PRO A 260 -15.98 3.97 -12.83
CA PRO A 260 -16.44 3.29 -14.06
C PRO A 260 -15.61 2.03 -14.39
N PRO A 261 -16.23 1.05 -15.05
CA PRO A 261 -15.61 -0.20 -15.42
C PRO A 261 -14.33 -0.04 -16.25
N ALA A 262 -14.30 0.99 -17.10
CA ALA A 262 -13.10 1.25 -17.92
C ALA A 262 -11.85 1.51 -17.07
N VAL A 263 -12.04 2.16 -15.93
CA VAL A 263 -11.00 2.54 -14.98
C VAL A 263 -10.53 1.39 -14.13
N VAL A 264 -11.50 0.59 -13.68
CA VAL A 264 -11.27 -0.66 -12.97
C VAL A 264 -10.48 -1.61 -13.90
N GLU A 265 -10.88 -1.66 -15.16
CA GLU A 265 -10.12 -2.42 -16.14
C GLU A 265 -8.65 -1.90 -16.28
N ARG A 266 -8.46 -0.57 -16.33
CA ARG A 266 -7.12 -0.04 -16.46
C ARG A 266 -6.25 -0.40 -15.22
N THR A 267 -6.86 -0.41 -14.01
CA THR A 267 -6.14 -0.77 -12.78
C THR A 267 -5.72 -2.26 -12.80
N LEU A 268 -6.53 -3.13 -13.41
CA LEU A 268 -6.16 -4.56 -13.56
C LEU A 268 -5.00 -4.81 -14.53
N ALA A 269 -5.02 -4.15 -15.67
CA ALA A 269 -3.80 -3.99 -16.51
C ALA A 269 -2.49 -3.56 -15.79
N HIS A 270 -2.52 -2.74 -14.73
CA HIS A 270 -1.27 -2.30 -14.03
C HIS A 270 -0.73 -3.26 -12.95
N ARG A 271 -1.39 -4.39 -12.80
CA ARG A 271 -1.15 -5.29 -11.67
C ARG A 271 -0.90 -6.68 -12.15
N PRO A 272 0.36 -7.14 -12.08
CA PRO A 272 0.66 -8.55 -12.24
C PRO A 272 0.03 -9.23 -11.04
N PRO A 273 -0.04 -10.58 -11.01
CA PRO A 273 -0.41 -11.19 -9.68
C PRO A 273 0.46 -10.70 -8.49
N ALA A 274 -0.18 -10.48 -7.33
CA ALA A 274 0.51 -10.00 -6.13
C ALA A 274 -0.07 -10.65 -4.89
N SER A 275 -0.02 -11.98 -4.83
CA SER A 275 -0.73 -12.73 -3.78
C SER A 275 0.16 -12.80 -2.56
N VAL A 276 -0.45 -12.66 -1.38
CA VAL A 276 0.32 -12.64 -0.13
C VAL A 276 0.89 -14.02 0.13
N GLN A 277 2.17 -14.08 0.54
CA GLN A 277 2.89 -15.35 0.78
C GLN A 277 3.96 -15.05 1.81
N PRO A 278 4.75 -16.07 2.27
CA PRO A 278 5.66 -15.79 3.41
C PRO A 278 6.80 -14.84 3.06
N LEU A 279 7.37 -14.08 4.00
CA LEU A 279 8.58 -13.29 3.72
C LEU A 279 9.76 -14.20 3.31
N SER A 280 10.19 -14.06 2.06
CA SER A 280 11.48 -14.64 1.66
C SER A 280 12.69 -13.84 2.26
N ALA A 281 13.86 -14.49 2.30
CA ALA A 281 15.12 -13.80 2.63
C ALA A 281 15.42 -12.47 1.90
N GLN A 282 15.33 -12.41 0.57
CA GLN A 282 15.68 -11.20 -0.15
C GLN A 282 14.74 -10.03 0.18
N VAL A 283 13.45 -10.33 0.41
CA VAL A 283 12.46 -9.31 0.83
C VAL A 283 12.80 -8.67 2.16
N ILE A 284 13.14 -9.53 3.12
CA ILE A 284 13.55 -9.01 4.42
C ILE A 284 14.70 -8.03 4.27
N LYS A 285 15.74 -8.43 3.53
CA LYS A 285 16.94 -7.58 3.30
C LYS A 285 16.62 -6.28 2.58
N ALA A 286 15.75 -6.41 1.57
CA ALA A 286 15.15 -5.25 0.84
C ALA A 286 14.51 -4.35 1.85
N GLN A 287 13.71 -4.89 2.79
CA GLN A 287 13.04 -3.97 3.73
C GLN A 287 14.04 -3.30 4.68
N GLN A 288 15.02 -4.09 5.12
CA GLN A 288 16.14 -3.51 5.89
C GLN A 288 16.89 -2.38 5.10
N ALA A 289 17.15 -2.63 3.82
CA ALA A 289 17.86 -1.62 2.96
C ALA A 289 17.04 -0.29 2.87
N THR A 290 15.71 -0.45 2.77
CA THR A 290 14.81 0.70 2.76
C THR A 290 14.84 1.42 4.11
N ALA A 291 14.68 0.65 5.20
CA ALA A 291 14.93 1.18 6.54
C ALA A 291 16.25 2.01 6.64
N ASP A 292 17.38 1.46 6.21
CA ASP A 292 18.69 2.14 6.17
C ASP A 292 18.71 3.47 5.37
N LEU A 293 18.09 3.38 4.19
CA LEU A 293 18.01 4.54 3.27
C LEU A 293 17.18 5.65 3.90
N PHE A 294 15.98 5.32 4.41
CA PHE A 294 15.18 6.30 5.18
C PHE A 294 15.89 6.95 6.35
N TYR A 295 16.65 6.15 7.10
CA TYR A 295 17.40 6.65 8.23
C TYR A 295 18.52 7.60 7.74
N ALA A 296 19.23 7.13 6.70
CA ALA A 296 20.38 7.79 6.07
C ALA A 296 19.96 9.16 5.56
N GLN A 297 18.73 9.24 5.03
CA GLN A 297 18.16 10.45 4.43
C GLN A 297 17.44 11.34 5.47
N ARG A 298 17.60 10.94 6.73
CA ARG A 298 17.13 11.67 7.88
C ARG A 298 15.63 11.84 7.87
N LEU A 299 14.95 10.82 7.34
CA LEU A 299 13.46 10.78 7.29
C LEU A 299 12.82 9.86 8.38
N LEU A 300 13.66 9.09 9.06
CA LEU A 300 13.29 8.34 10.24
C LEU A 300 14.30 8.79 11.30
N PRO A 301 13.87 8.91 12.56
CA PRO A 301 14.80 9.26 13.64
C PRO A 301 15.65 8.07 14.17
N LYS A 302 15.09 6.84 14.19
CA LYS A 302 15.77 5.60 14.60
C LYS A 302 16.27 4.86 13.37
N ARG A 303 17.35 4.11 13.56
CA ARG A 303 17.61 2.97 12.67
C ARG A 303 16.63 1.79 13.05
N VAL A 304 15.79 1.34 12.10
CA VAL A 304 14.80 0.29 12.39
C VAL A 304 15.41 -1.04 12.06
N LEU A 305 15.23 -2.04 12.93
CA LEU A 305 15.68 -3.43 12.62
C LEU A 305 14.49 -4.24 12.27
N VAL A 306 14.49 -4.69 11.04
CA VAL A 306 13.31 -5.41 10.49
C VAL A 306 13.25 -6.81 10.98
N ALA A 307 14.41 -7.50 10.93
CA ALA A 307 14.43 -8.90 11.18
C ALA A 307 13.80 -9.38 12.52
N PRO A 308 14.08 -8.69 13.66
CA PRO A 308 13.45 -9.20 14.90
C PRO A 308 11.92 -9.20 14.81
N ALA A 309 11.33 -8.38 13.92
CA ALA A 309 9.88 -8.30 13.79
C ALA A 309 9.32 -9.25 12.74
N VAL A 310 10.15 -10.11 12.17
CA VAL A 310 9.68 -10.94 11.05
C VAL A 310 9.14 -12.27 11.62
N TRP A 311 7.97 -12.71 11.12
CA TRP A 311 7.34 -13.90 11.65
C TRP A 311 6.92 -14.89 10.53
N ARG A 312 6.97 -16.17 10.87
CA ARG A 312 6.50 -17.29 10.01
C ARG A 312 5.94 -18.31 10.98
N ALA A 313 4.88 -19.03 10.57
CA ALA A 313 4.21 -20.02 11.42
C ALA A 313 5.05 -21.32 11.51
N PRO A 314 5.08 -22.01 12.69
CA PRO A 314 5.65 -23.37 12.95
C PRO A 314 6.14 -24.27 11.78
O1 MES B . -1.62 -0.09 -3.99
C2 MES B . -2.48 -0.54 -2.97
C3 MES B . -2.28 0.35 -1.71
N4 MES B . -0.84 0.47 -1.38
C5 MES B . 0.15 0.66 -2.47
C6 MES B . -0.24 -0.27 -3.64
C7 MES B . -0.37 0.57 0.03
C8 MES B . -0.36 2.07 0.41
S MES B . 0.28 2.43 1.95
O1S MES B . -0.30 3.72 2.16
O2S MES B . 1.70 2.33 1.51
O3S MES B . -0.29 1.29 2.65
#